data_9FBK
#
_entry.id   9FBK
#
_cell.length_a   62.600
_cell.length_b   92.100
_cell.length_c   55.270
_cell.angle_alpha   90.000
_cell.angle_beta   90.000
_cell.angle_gamma   90.000
#
_symmetry.space_group_name_H-M   'P 21 21 2'
#
loop_
_entity.id
_entity.type
_entity.pdbx_description
1 polymer 'Hypothetical (Diheme) protein'
2 non-polymer 'CALCIUM ION'
3 non-polymer 'HEME C'
4 water water
#
_entity_poly.entity_id   1
_entity_poly.type   'polypeptide(L)'
_entity_poly.pdbx_seq_one_letter_code
;MNKTMLKIVAFGVAVIGFYMYITVYVTGLSGTGGGGTATGVSAEAGEQIFWGDGQCSTCHKIGSSGSATRGPDQEGLAER
AEERAKELGLSSGLEYLVESIIDPEKYVVEGFDKIMPRVYDPPIMLSREKILAVLAYLQSLGGEPDLDAIMKFKDKIPEA
SKTKVKPWVPPLAVTAEEGEQVFFDESLDVTCGKCHMVNGKGQKVGPELTGIGAIQTPQYFVESILEPSAVIVKGYETVF
VITADGIPYNGLIKSDTEEELTLILEESGSVEEVVIPKDEIEDMKKQEVSIMPGNIGELLSVRQFYAVIEYLRSLK
;
_entity_poly.pdbx_strand_id   A
#
loop_
_chem_comp.id
_chem_comp.type
_chem_comp.name
_chem_comp.formula
CA non-polymer 'CALCIUM ION' 'Ca 2'
HEC non-polymer 'HEME C' 'C34 H34 Fe N4 O4'
#
# COMPACT_ATOMS: atom_id res chain seq x y z
N THR A 39 9.34 -23.92 -8.87
CA THR A 39 9.96 -24.38 -7.64
C THR A 39 9.01 -25.21 -6.76
N GLY A 40 7.81 -25.54 -7.29
CA GLY A 40 6.90 -26.43 -6.58
C GLY A 40 6.04 -25.70 -5.55
N VAL A 41 5.38 -26.49 -4.71
CA VAL A 41 4.41 -25.89 -3.80
C VAL A 41 4.78 -26.01 -2.31
N SER A 42 6.08 -26.01 -1.99
CA SER A 42 6.50 -26.19 -0.61
C SER A 42 6.59 -24.85 0.14
N ALA A 43 6.63 -24.92 1.48
CA ALA A 43 6.77 -23.66 2.22
C ALA A 43 8.10 -23.01 1.92
N GLU A 44 9.14 -23.81 1.66
CA GLU A 44 10.44 -23.25 1.31
C GLU A 44 10.36 -22.46 0.00
N ALA A 45 9.62 -22.97 -0.98
CA ALA A 45 9.42 -22.21 -2.21
C ALA A 45 8.54 -20.99 -1.94
N GLY A 46 7.51 -21.11 -1.11
CA GLY A 46 6.67 -19.95 -0.79
C GLY A 46 7.44 -18.83 -0.10
N GLU A 47 8.43 -19.19 0.72
CA GLU A 47 9.23 -18.17 1.40
C GLU A 47 9.98 -17.30 0.39
N GLN A 48 10.59 -17.93 -0.63
CA GLN A 48 11.28 -17.19 -1.70
C GLN A 48 10.33 -16.27 -2.44
N ILE A 49 9.09 -16.72 -2.66
CA ILE A 49 8.13 -15.93 -3.41
C ILE A 49 7.64 -14.75 -2.57
N PHE A 50 7.37 -14.99 -1.29
CA PHE A 50 6.88 -13.95 -0.39
C PHE A 50 7.86 -12.79 -0.31
N TRP A 51 9.14 -13.13 -0.20
CA TRP A 51 10.23 -12.17 -0.09
C TRP A 51 10.80 -11.82 -1.46
N GLY A 52 10.11 -12.24 -2.52
CA GLY A 52 10.56 -12.10 -3.88
C GLY A 52 9.46 -11.67 -4.83
N ASP A 53 9.22 -12.46 -5.87
CA ASP A 53 8.32 -12.03 -6.95
C ASP A 53 6.88 -11.85 -6.50
N GLY A 54 6.50 -12.43 -5.36
CA GLY A 54 5.13 -12.16 -4.90
C GLY A 54 4.90 -10.74 -4.35
N GLN A 55 5.98 -9.99 -4.10
CA GLN A 55 5.95 -8.62 -3.59
C GLN A 55 5.34 -8.50 -2.20
N CYS A 56 5.03 -9.63 -1.54
CA CYS A 56 4.37 -9.55 -0.23
C CYS A 56 5.21 -8.74 0.75
N SER A 57 6.54 -8.94 0.75
CA SER A 57 7.37 -8.26 1.73
C SER A 57 7.61 -6.79 1.41
N THR A 58 7.15 -6.28 0.28
CA THR A 58 7.17 -4.84 0.12
C THR A 58 6.14 -4.16 1.00
N CYS A 59 5.14 -4.91 1.51
CA CYS A 59 4.13 -4.38 2.42
C CYS A 59 4.13 -5.06 3.80
N HIS A 60 4.48 -6.34 3.87
CA HIS A 60 4.38 -7.13 5.08
C HIS A 60 5.77 -7.46 5.62
N LYS A 61 6.04 -7.11 6.87
CA LYS A 61 7.21 -7.67 7.56
C LYS A 61 6.82 -8.89 8.36
N ILE A 62 7.84 -9.56 8.94
CA ILE A 62 7.57 -10.74 9.76
C ILE A 62 8.46 -10.59 11.00
N GLY A 63 7.90 -10.03 12.07
CA GLY A 63 8.71 -9.70 13.24
C GLY A 63 9.84 -8.77 12.87
N SER A 64 11.07 -9.13 13.26
CA SER A 64 12.21 -8.27 12.96
C SER A 64 12.79 -8.49 11.56
N SER A 65 12.25 -9.45 10.80
N SER A 65 12.25 -9.42 10.78
CA SER A 65 12.61 -9.63 9.39
CA SER A 65 12.70 -9.59 9.41
C SER A 65 11.84 -8.60 8.56
C SER A 65 11.88 -8.68 8.50
N GLY A 66 12.56 -7.76 7.83
CA GLY A 66 11.92 -6.79 6.97
C GLY A 66 11.46 -5.56 7.74
N SER A 67 11.17 -4.51 6.98
CA SER A 67 10.75 -3.27 7.62
C SER A 67 9.46 -2.69 7.06
N ALA A 68 8.82 -3.38 6.11
CA ALA A 68 7.62 -2.82 5.48
C ALA A 68 6.48 -2.68 6.49
N THR A 69 5.65 -1.63 6.29
CA THR A 69 4.55 -1.34 7.19
C THR A 69 3.22 -1.08 6.50
N ARG A 70 3.14 -1.13 5.15
CA ARG A 70 1.82 -0.87 4.53
C ARG A 70 0.78 -1.89 4.98
N GLY A 71 1.18 -3.15 5.20
CA GLY A 71 0.27 -4.14 5.70
C GLY A 71 0.75 -4.66 7.04
N PRO A 72 -0.05 -5.53 7.64
CA PRO A 72 0.25 -6.02 9.00
C PRO A 72 1.45 -6.94 9.04
N ASP A 73 2.10 -6.93 10.20
CA ASP A 73 3.13 -7.89 10.54
C ASP A 73 2.56 -9.31 10.46
N GLN A 74 3.19 -10.18 9.70
CA GLN A 74 2.64 -11.53 9.51
C GLN A 74 3.24 -12.55 10.48
N GLU A 75 4.05 -12.13 11.45
CA GLU A 75 4.46 -13.09 12.48
C GLU A 75 3.22 -13.67 13.18
N GLY A 76 3.19 -14.99 13.34
CA GLY A 76 2.06 -15.64 13.97
C GLY A 76 0.79 -15.61 13.15
N LEU A 77 0.88 -15.35 11.85
CA LEU A 77 -0.32 -15.27 11.01
C LEU A 77 -1.13 -16.55 11.08
N ALA A 78 -0.46 -17.71 11.13
CA ALA A 78 -1.19 -18.98 11.05
C ALA A 78 -2.19 -19.09 12.19
N GLU A 79 -1.79 -18.66 13.40
CA GLU A 79 -2.69 -18.80 14.54
C GLU A 79 -3.78 -17.74 14.54
N ARG A 80 -3.48 -16.52 14.13
CA ARG A 80 -4.63 -15.62 14.10
C ARG A 80 -5.51 -15.86 12.87
N ALA A 81 -5.02 -16.57 11.84
CA ALA A 81 -5.92 -17.01 10.77
C ALA A 81 -6.99 -17.95 11.31
N GLU A 82 -6.63 -18.85 12.23
CA GLU A 82 -7.64 -19.70 12.83
C GLU A 82 -8.69 -18.87 13.54
N GLU A 83 -8.26 -17.79 14.21
CA GLU A 83 -9.19 -16.91 14.91
C GLU A 83 -10.07 -16.13 13.93
N ARG A 84 -9.49 -15.62 12.83
CA ARG A 84 -10.29 -14.93 11.83
C ARG A 84 -11.36 -15.85 11.26
N ALA A 85 -10.95 -17.07 10.90
CA ALA A 85 -11.89 -18.04 10.33
C ALA A 85 -13.07 -18.28 11.25
N LYS A 86 -12.79 -18.39 12.55
CA LYS A 86 -13.86 -18.53 13.54
C LYS A 86 -14.77 -17.31 13.51
N GLU A 87 -14.20 -16.11 13.58
CA GLU A 87 -15.00 -14.89 13.57
C GLU A 87 -15.82 -14.77 12.30
N LEU A 88 -15.25 -15.18 11.17
CA LEU A 88 -15.90 -14.92 9.89
C LEU A 88 -16.73 -16.10 9.42
N GLY A 89 -16.82 -17.16 10.23
CA GLY A 89 -17.61 -18.32 9.86
C GLY A 89 -17.03 -19.12 8.72
N LEU A 90 -15.72 -19.06 8.51
CA LEU A 90 -15.09 -19.88 7.48
C LEU A 90 -14.74 -21.25 8.06
N SER A 91 -14.36 -22.17 7.17
CA SER A 91 -14.12 -23.55 7.59
C SER A 91 -12.82 -23.72 8.33
N SER A 92 -11.79 -22.92 8.00
CA SER A 92 -10.47 -23.16 8.54
C SER A 92 -9.65 -21.90 8.39
N GLY A 93 -8.59 -21.81 9.19
CA GLY A 93 -7.67 -20.69 9.01
C GLY A 93 -7.12 -20.63 7.60
N LEU A 94 -6.86 -21.80 7.00
CA LEU A 94 -6.33 -21.84 5.65
C LEU A 94 -7.32 -21.20 4.67
N GLU A 95 -8.61 -21.46 4.84
CA GLU A 95 -9.61 -20.86 3.95
C GLU A 95 -9.57 -19.34 4.04
N TYR A 96 -9.31 -18.82 5.23
CA TYR A 96 -9.15 -17.36 5.41
C TYR A 96 -7.91 -16.86 4.69
N LEU A 97 -6.82 -17.66 4.72
CA LEU A 97 -5.59 -17.26 4.04
C LEU A 97 -5.81 -17.20 2.54
N VAL A 98 -6.53 -18.21 2.00
CA VAL A 98 -6.87 -18.21 0.59
C VAL A 98 -7.69 -16.98 0.24
N GLU A 99 -8.74 -16.74 1.02
CA GLU A 99 -9.62 -15.59 0.76
C GLU A 99 -8.83 -14.28 0.81
N SER A 100 -7.84 -14.20 1.69
CA SER A 100 -7.07 -12.97 1.84
C SER A 100 -6.30 -12.66 0.57
N ILE A 101 -5.93 -13.69 -0.18
CA ILE A 101 -5.18 -13.51 -1.42
C ILE A 101 -6.11 -13.34 -2.61
N ILE A 102 -7.10 -14.24 -2.74
CA ILE A 102 -7.96 -14.15 -3.91
C ILE A 102 -8.93 -12.98 -3.83
N ASP A 103 -9.34 -12.55 -2.64
CA ASP A 103 -10.30 -11.45 -2.50
C ASP A 103 -9.87 -10.51 -1.38
N PRO A 104 -8.80 -9.71 -1.59
CA PRO A 104 -8.27 -8.92 -0.48
C PRO A 104 -9.27 -7.96 0.11
N GLU A 105 -10.27 -7.52 -0.65
CA GLU A 105 -11.23 -6.55 -0.15
C GLU A 105 -12.30 -7.15 0.73
N LYS A 106 -12.46 -8.49 0.71
CA LYS A 106 -13.63 -9.11 1.34
C LYS A 106 -13.61 -8.93 2.85
N TYR A 107 -12.43 -8.92 3.45
CA TYR A 107 -12.26 -8.64 4.86
C TYR A 107 -11.06 -7.72 5.00
N VAL A 108 -11.21 -6.63 5.73
CA VAL A 108 -10.13 -5.65 5.86
C VAL A 108 -9.71 -5.67 7.32
N VAL A 109 -8.48 -6.11 7.57
CA VAL A 109 -7.94 -6.10 8.93
C VAL A 109 -8.10 -4.72 9.55
N GLU A 110 -8.57 -4.70 10.80
CA GLU A 110 -8.69 -3.45 11.54
C GLU A 110 -7.39 -2.64 11.53
N GLY A 111 -7.53 -1.35 11.24
CA GLY A 111 -6.37 -0.47 11.21
C GLY A 111 -5.74 -0.31 9.85
N PHE A 112 -6.27 -0.96 8.81
CA PHE A 112 -5.74 -0.88 7.46
C PHE A 112 -6.88 -0.57 6.49
N ASP A 113 -6.51 -0.02 5.32
CA ASP A 113 -7.42 0.31 4.24
C ASP A 113 -7.23 -0.68 3.09
N LYS A 114 -8.03 -0.51 2.03
CA LYS A 114 -8.04 -1.48 0.91
C LYS A 114 -6.92 -1.17 -0.08
N ILE A 115 -5.72 -1.60 0.28
CA ILE A 115 -4.53 -1.32 -0.52
C ILE A 115 -3.91 -2.61 -1.09
N MET A 116 -4.18 -3.78 -0.50
CA MET A 116 -3.57 -5.01 -1.01
C MET A 116 -4.07 -5.33 -2.41
N PRO A 117 -3.18 -5.54 -3.38
CA PRO A 117 -3.63 -5.86 -4.74
C PRO A 117 -3.95 -7.34 -4.83
N ARG A 118 -4.68 -7.68 -5.91
CA ARG A 118 -4.89 -9.07 -6.31
C ARG A 118 -3.65 -9.51 -7.09
N VAL A 119 -2.82 -10.36 -6.48
CA VAL A 119 -1.51 -10.58 -7.08
C VAL A 119 -1.57 -11.46 -8.32
N TYR A 120 -2.67 -12.19 -8.55
CA TYR A 120 -2.87 -12.94 -9.78
C TYR A 120 -3.30 -12.06 -10.95
N ASP A 121 -3.57 -10.76 -10.72
CA ASP A 121 -3.83 -9.77 -11.75
C ASP A 121 -2.57 -8.94 -12.03
N PRO A 122 -2.51 -8.22 -13.15
CA PRO A 122 -1.37 -7.33 -13.36
C PRO A 122 -1.37 -6.24 -12.32
N PRO A 123 -0.20 -5.69 -11.98
CA PRO A 123 1.08 -6.01 -12.65
C PRO A 123 1.76 -7.26 -12.12
N ILE A 124 1.47 -7.73 -10.91
CA ILE A 124 2.32 -8.79 -10.34
C ILE A 124 2.17 -10.11 -11.12
N MET A 125 0.95 -10.49 -11.46
CA MET A 125 0.71 -11.67 -12.31
CA MET A 125 0.70 -11.67 -12.31
C MET A 125 1.36 -12.92 -11.73
N LEU A 126 1.12 -13.15 -10.45
CA LEU A 126 1.70 -14.30 -9.76
C LEU A 126 0.97 -15.58 -10.16
N SER A 127 1.73 -16.58 -10.62
CA SER A 127 1.12 -17.81 -11.12
C SER A 127 0.42 -18.58 -10.00
N ARG A 128 -0.40 -19.55 -10.40
CA ARG A 128 -1.19 -20.32 -9.44
C ARG A 128 -0.30 -21.21 -8.58
N GLU A 129 0.67 -21.91 -9.19
CA GLU A 129 1.58 -22.73 -8.38
C GLU A 129 2.34 -21.88 -7.37
N LYS A 130 2.70 -20.65 -7.73
CA LYS A 130 3.41 -19.80 -6.76
C LYS A 130 2.50 -19.39 -5.61
N ILE A 131 1.21 -19.15 -5.89
CA ILE A 131 0.29 -18.79 -4.81
C ILE A 131 0.08 -19.96 -3.86
N LEU A 132 -0.03 -21.19 -4.40
CA LEU A 132 -0.09 -22.37 -3.55
C LEU A 132 1.15 -22.48 -2.67
N ALA A 133 2.33 -22.19 -3.23
CA ALA A 133 3.54 -22.23 -2.42
C ALA A 133 3.47 -21.19 -1.31
N VAL A 134 3.10 -19.96 -1.66
CA VAL A 134 2.98 -18.89 -0.68
C VAL A 134 2.05 -19.29 0.45
N LEU A 135 0.91 -19.88 0.11
CA LEU A 135 -0.01 -20.39 1.13
C LEU A 135 0.68 -21.34 2.08
N ALA A 136 1.53 -22.22 1.56
CA ALA A 136 2.23 -23.15 2.44
C ALA A 136 3.16 -22.38 3.37
N TYR A 137 3.82 -21.35 2.85
CA TYR A 137 4.64 -20.52 3.72
C TYR A 137 3.80 -19.82 4.78
N LEU A 138 2.65 -19.27 4.39
CA LEU A 138 1.85 -18.56 5.38
C LEU A 138 1.43 -19.49 6.49
N GLN A 139 1.10 -20.76 6.17
CA GLN A 139 0.75 -21.70 7.23
C GLN A 139 1.91 -21.98 8.17
N SER A 140 3.15 -21.82 7.70
CA SER A 140 4.33 -22.05 8.53
C SER A 140 4.58 -20.94 9.53
N LEU A 141 3.90 -19.79 9.40
CA LEU A 141 4.12 -18.67 10.31
C LEU A 141 3.35 -18.94 11.61
N GLY A 142 3.92 -19.80 12.44
CA GLY A 142 3.28 -20.19 13.68
C GLY A 142 2.40 -21.41 13.60
N GLY A 143 2.41 -22.12 12.46
CA GLY A 143 1.65 -23.34 12.31
C GLY A 143 2.43 -24.34 11.47
N GLU A 144 1.74 -25.36 10.96
CA GLU A 144 2.35 -26.37 10.12
C GLU A 144 1.68 -26.36 8.75
N PRO A 145 2.46 -26.37 7.66
CA PRO A 145 1.85 -26.48 6.33
C PRO A 145 1.15 -27.81 6.12
N ASP A 146 0.05 -27.75 5.38
CA ASP A 146 -0.79 -28.90 5.08
C ASP A 146 -0.95 -28.92 3.56
N LEU A 147 -0.05 -29.64 2.87
CA LEU A 147 0.03 -29.52 1.42
C LEU A 147 -1.18 -30.12 0.71
N ASP A 148 -1.70 -31.25 1.22
CA ASP A 148 -2.92 -31.83 0.66
C ASP A 148 -4.07 -30.84 0.73
N ALA A 149 -4.23 -30.19 1.89
CA ALA A 149 -5.34 -29.28 2.05
C ALA A 149 -5.17 -28.06 1.16
N ILE A 150 -3.94 -27.54 1.06
CA ILE A 150 -3.72 -26.42 0.15
C ILE A 150 -4.11 -26.80 -1.26
N MET A 151 -3.76 -28.01 -1.68
CA MET A 151 -3.95 -28.39 -3.08
C MET A 151 -5.43 -28.47 -3.44
N LYS A 152 -6.28 -28.76 -2.47
CA LYS A 152 -7.72 -28.79 -2.75
C LYS A 152 -8.29 -27.42 -3.07
N PHE A 153 -7.57 -26.35 -2.71
CA PHE A 153 -7.98 -24.99 -3.07
C PHE A 153 -7.51 -24.54 -4.45
N LYS A 154 -6.85 -25.42 -5.21
CA LYS A 154 -6.24 -25.00 -6.48
C LYS A 154 -7.28 -24.44 -7.44
N ASP A 155 -8.50 -25.01 -7.42
CA ASP A 155 -9.59 -24.59 -8.31
C ASP A 155 -10.25 -23.28 -7.87
N LYS A 156 -9.79 -22.67 -6.78
CA LYS A 156 -10.27 -21.37 -6.35
C LYS A 156 -9.26 -20.27 -6.65
N ILE A 157 -8.02 -20.64 -6.98
CA ILE A 157 -6.96 -19.67 -7.26
C ILE A 157 -7.04 -19.31 -8.73
N PRO A 158 -7.38 -18.06 -9.09
CA PRO A 158 -7.34 -17.65 -10.49
C PRO A 158 -5.94 -17.84 -11.07
N GLU A 159 -5.87 -18.16 -12.36
CA GLU A 159 -4.61 -18.28 -13.08
C GLU A 159 -4.24 -16.93 -13.66
N ALA A 160 -3.03 -16.44 -13.35
CA ALA A 160 -2.63 -15.09 -13.76
C ALA A 160 -2.74 -14.93 -15.27
N SER A 161 -2.30 -15.94 -16.04
CA SER A 161 -2.37 -15.88 -17.50
C SER A 161 -3.80 -15.66 -17.98
N LYS A 162 -4.80 -16.09 -17.19
CA LYS A 162 -6.20 -15.99 -17.56
C LYS A 162 -6.87 -14.76 -16.97
N THR A 163 -6.09 -13.75 -16.58
CA THR A 163 -6.66 -12.58 -15.93
C THR A 163 -7.74 -11.98 -16.81
N LYS A 164 -8.83 -11.51 -16.19
CA LYS A 164 -9.89 -10.81 -16.90
C LYS A 164 -9.67 -9.31 -17.00
N VAL A 165 -8.65 -8.78 -16.32
CA VAL A 165 -8.43 -7.34 -16.32
C VAL A 165 -8.16 -6.86 -17.75
N LYS A 166 -8.93 -5.85 -18.18
CA LYS A 166 -8.70 -5.25 -19.48
C LYS A 166 -7.35 -4.51 -19.49
N PRO A 167 -6.65 -4.51 -20.62
CA PRO A 167 -5.46 -3.67 -20.71
C PRO A 167 -5.81 -2.22 -20.40
N TRP A 168 -4.82 -1.50 -19.87
CA TRP A 168 -4.96 -0.07 -19.60
C TRP A 168 -4.57 0.71 -20.84
N VAL A 169 -5.55 1.37 -21.45
CA VAL A 169 -5.27 2.21 -22.62
C VAL A 169 -5.84 3.59 -22.32
N PRO A 170 -4.99 4.58 -22.05
CA PRO A 170 -5.50 5.92 -21.78
C PRO A 170 -6.14 6.49 -23.05
N PRO A 171 -7.14 7.36 -22.91
CA PRO A 171 -7.82 7.93 -24.09
C PRO A 171 -6.96 8.88 -24.89
N LEU A 172 -5.69 9.06 -24.51
CA LEU A 172 -4.74 9.92 -25.19
C LEU A 172 -3.42 9.21 -25.27
N ALA A 173 -2.63 9.54 -26.29
CA ALA A 173 -1.25 9.04 -26.34
C ALA A 173 -0.41 9.81 -25.33
N VAL A 174 0.11 9.11 -24.33
CA VAL A 174 0.99 9.70 -23.32
C VAL A 174 2.15 8.74 -23.10
N THR A 175 3.24 9.25 -22.50
CA THR A 175 4.39 8.40 -22.19
C THR A 175 4.79 8.55 -20.73
N ALA A 176 5.52 7.55 -20.23
CA ALA A 176 6.03 7.65 -18.86
C ALA A 176 6.99 8.82 -18.73
N GLU A 177 7.77 9.09 -19.79
CA GLU A 177 8.72 10.21 -19.74
C GLU A 177 7.98 11.52 -19.63
N GLU A 178 6.89 11.67 -20.37
CA GLU A 178 6.03 12.85 -20.24
C GLU A 178 5.49 12.96 -18.81
N GLY A 179 5.05 11.83 -18.24
CA GLY A 179 4.52 11.85 -16.89
C GLY A 179 5.56 12.15 -15.83
N GLU A 180 6.81 11.67 -16.03
CA GLU A 180 7.90 12.09 -15.14
C GLU A 180 8.08 13.61 -15.13
N GLN A 181 8.06 14.24 -16.31
CA GLN A 181 8.15 15.70 -16.39
C GLN A 181 7.04 16.35 -15.57
N VAL A 182 5.80 15.89 -15.74
CA VAL A 182 4.69 16.42 -14.96
C VAL A 182 4.96 16.24 -13.46
N PHE A 183 5.41 15.03 -13.08
CA PHE A 183 5.55 14.67 -11.67
C PHE A 183 6.44 15.66 -10.92
N PHE A 184 7.50 16.16 -11.57
CA PHE A 184 8.49 17.00 -10.91
C PHE A 184 8.40 18.47 -11.34
N ASP A 185 7.31 18.88 -11.98
CA ASP A 185 7.17 20.21 -12.57
C ASP A 185 6.74 21.20 -11.50
N GLU A 186 7.68 21.99 -10.98
CA GLU A 186 7.36 22.95 -9.94
C GLU A 186 6.49 24.11 -10.44
N SER A 187 6.36 24.28 -11.75
CA SER A 187 5.55 25.37 -12.29
C SER A 187 4.04 25.08 -12.25
N LEU A 188 3.63 23.83 -12.01
CA LEU A 188 2.22 23.45 -11.98
C LEU A 188 1.58 23.77 -10.62
N ASP A 189 0.24 23.69 -10.56
CA ASP A 189 -0.46 23.93 -9.31
C ASP A 189 -0.38 22.76 -8.34
N VAL A 190 0.04 21.60 -8.81
CA VAL A 190 0.40 20.48 -7.95
C VAL A 190 1.71 19.90 -8.48
N THR A 191 2.62 19.57 -7.57
CA THR A 191 3.91 18.99 -7.96
C THR A 191 4.09 17.75 -7.09
N CYS A 192 3.88 16.55 -7.67
CA CYS A 192 4.00 15.33 -6.88
C CYS A 192 5.34 15.27 -6.16
N GLY A 193 6.39 15.78 -6.83
CA GLY A 193 7.74 15.73 -6.28
C GLY A 193 7.96 16.56 -5.04
N LYS A 194 7.06 17.51 -4.74
CA LYS A 194 7.13 18.21 -3.46
C LYS A 194 6.86 17.28 -2.28
N CYS A 195 6.20 16.13 -2.50
CA CYS A 195 5.83 15.25 -1.41
C CYS A 195 6.28 13.81 -1.59
N HIS A 196 6.77 13.43 -2.75
CA HIS A 196 7.10 12.04 -3.03
C HIS A 196 8.48 11.96 -3.65
N MET A 197 9.24 10.96 -3.23
CA MET A 197 10.55 10.64 -3.81
C MET A 197 10.47 9.43 -4.72
N VAL A 198 11.23 9.52 -5.81
CA VAL A 198 11.44 8.42 -6.74
C VAL A 198 12.94 8.39 -7.06
N ASN A 199 13.59 7.26 -6.75
CA ASN A 199 15.01 7.04 -7.07
C ASN A 199 15.88 8.24 -6.66
N GLY A 200 15.67 8.73 -5.45
CA GLY A 200 16.47 9.82 -4.92
C GLY A 200 16.09 11.21 -5.34
N LYS A 201 15.12 11.36 -6.25
CA LYS A 201 14.64 12.66 -6.71
C LYS A 201 13.30 12.95 -6.03
N GLY A 202 13.10 14.19 -5.61
CA GLY A 202 11.87 14.58 -4.92
C GLY A 202 12.12 14.88 -3.46
N GLN A 203 11.02 15.06 -2.73
CA GLN A 203 11.06 15.46 -1.32
C GLN A 203 10.10 14.58 -0.52
N LYS A 204 10.53 14.12 0.67
CA LYS A 204 9.77 13.14 1.46
C LYS A 204 8.69 13.83 2.31
N VAL A 205 7.42 13.59 1.97
CA VAL A 205 6.29 13.97 2.81
C VAL A 205 5.36 12.75 2.89
N GLY A 206 4.83 12.34 1.74
CA GLY A 206 4.21 11.03 1.61
C GLY A 206 5.24 9.95 1.35
N PRO A 207 4.76 8.72 1.14
CA PRO A 207 5.69 7.60 0.98
C PRO A 207 6.51 7.66 -0.31
N GLU A 208 7.67 7.00 -0.27
CA GLU A 208 8.48 6.89 -1.48
C GLU A 208 7.73 6.04 -2.50
N LEU A 209 7.75 6.46 -3.75
CA LEU A 209 6.98 5.77 -4.77
C LEU A 209 7.84 4.86 -5.64
N THR A 210 9.15 4.84 -5.42
CA THR A 210 10.01 3.88 -6.11
C THR A 210 9.39 2.50 -6.09
N GLY A 211 9.34 1.86 -7.27
CA GLY A 211 8.91 0.48 -7.41
C GLY A 211 7.41 0.22 -7.31
N ILE A 212 6.57 1.25 -7.18
CA ILE A 212 5.14 0.99 -6.98
C ILE A 212 4.50 0.50 -8.27
N GLY A 213 5.09 0.81 -9.43
CA GLY A 213 4.56 0.31 -10.68
C GLY A 213 4.65 -1.19 -10.82
N ALA A 214 5.49 -1.85 -10.04
CA ALA A 214 5.55 -3.32 -10.05
C ALA A 214 4.51 -3.95 -9.13
N ILE A 215 3.78 -3.13 -8.38
CA ILE A 215 2.92 -3.61 -7.29
C ILE A 215 1.46 -3.25 -7.54
N GLN A 216 1.21 -1.99 -7.91
CA GLN A 216 -0.15 -1.48 -7.87
C GLN A 216 -0.76 -1.38 -9.27
N THR A 217 -2.08 -1.27 -9.29
CA THR A 217 -2.84 -1.17 -10.52
C THR A 217 -2.99 0.28 -10.97
N PRO A 218 -3.25 0.51 -12.27
CA PRO A 218 -3.63 1.87 -12.69
C PRO A 218 -4.86 2.38 -11.98
N GLN A 219 -5.83 1.51 -11.73
CA GLN A 219 -7.02 1.89 -10.95
C GLN A 219 -6.64 2.42 -9.57
N TYR A 220 -5.71 1.75 -8.89
CA TYR A 220 -5.24 2.29 -7.60
C TYR A 220 -4.56 3.65 -7.76
N PHE A 221 -3.79 3.84 -8.84
CA PHE A 221 -3.21 5.17 -9.04
C PHE A 221 -4.31 6.20 -9.29
N VAL A 222 -5.32 5.84 -10.08
CA VAL A 222 -6.42 6.78 -10.32
C VAL A 222 -7.04 7.20 -9.00
N GLU A 223 -7.35 6.21 -8.15
CA GLU A 223 -8.01 6.47 -6.88
C GLU A 223 -7.09 7.24 -5.95
N SER A 224 -5.80 6.89 -5.96
CA SER A 224 -4.86 7.60 -5.10
C SER A 224 -4.80 9.07 -5.45
N ILE A 225 -4.91 9.41 -6.74
CA ILE A 225 -4.76 10.79 -7.19
C ILE A 225 -6.07 11.56 -7.00
N LEU A 226 -7.21 10.96 -7.39
CA LEU A 226 -8.45 11.72 -7.34
C LEU A 226 -9.22 11.55 -6.03
N GLU A 227 -8.95 10.48 -5.26
CA GLU A 227 -9.64 10.18 -4.00
C GLU A 227 -8.60 9.87 -2.94
N PRO A 228 -7.76 10.85 -2.57
CA PRO A 228 -6.58 10.53 -1.77
C PRO A 228 -6.88 10.01 -0.39
N SER A 229 -8.05 10.28 0.20
CA SER A 229 -8.35 9.77 1.52
C SER A 229 -9.09 8.45 1.51
N ALA A 230 -9.38 7.90 0.33
CA ALA A 230 -10.02 6.60 0.25
C ALA A 230 -9.16 5.52 0.87
N VAL A 231 -7.85 5.59 0.62
CA VAL A 231 -6.84 4.74 1.22
C VAL A 231 -5.80 5.68 1.83
N ILE A 232 -5.45 5.43 3.10
CA ILE A 232 -4.37 6.16 3.77
C ILE A 232 -3.26 5.16 4.01
N VAL A 233 -2.13 5.33 3.32
CA VAL A 233 -0.98 4.46 3.55
C VAL A 233 -0.62 4.48 5.04
N LYS A 234 -0.38 3.31 5.61
CA LYS A 234 -0.17 3.18 7.04
C LYS A 234 1.01 4.02 7.47
N GLY A 235 0.81 4.79 8.56
CA GLY A 235 1.82 5.67 9.08
C GLY A 235 1.74 7.09 8.59
N TYR A 236 0.92 7.36 7.58
CA TYR A 236 0.84 8.67 6.95
C TYR A 236 -0.51 9.31 7.21
N GLU A 237 -1.12 8.95 8.33
CA GLU A 237 -2.37 9.55 8.77
C GLU A 237 -2.17 11.01 9.17
N THR A 238 -3.23 11.78 9.02
CA THR A 238 -3.29 13.11 9.63
C THR A 238 -3.64 12.94 11.09
N VAL A 239 -2.98 13.72 11.96
CA VAL A 239 -3.39 13.81 13.35
C VAL A 239 -3.82 15.25 13.66
N PHE A 240 -4.81 15.36 14.54
CA PHE A 240 -5.22 16.65 15.12
C PHE A 240 -4.56 16.78 16.48
N VAL A 241 -3.76 17.83 16.65
CA VAL A 241 -3.05 18.13 17.89
C VAL A 241 -3.63 19.40 18.50
N ILE A 242 -3.78 19.41 19.82
CA ILE A 242 -4.12 20.60 20.59
C ILE A 242 -3.08 20.76 21.68
N THR A 243 -2.47 21.95 21.76
CA THR A 243 -1.48 22.18 22.80
C THR A 243 -2.17 22.65 24.07
N ALA A 244 -1.43 22.58 25.18
CA ALA A 244 -1.97 23.03 26.46
C ALA A 244 -2.52 24.45 26.37
N ASP A 245 -1.84 25.32 25.59
CA ASP A 245 -2.31 26.68 25.32
C ASP A 245 -3.53 26.72 24.39
N GLY A 246 -3.96 25.58 23.84
CA GLY A 246 -5.11 25.56 22.97
C GLY A 246 -4.85 25.98 21.54
N ILE A 247 -3.66 25.72 21.02
CA ILE A 247 -3.35 25.98 19.62
C ILE A 247 -3.56 24.67 18.85
N PRO A 248 -4.31 24.69 17.75
CA PRO A 248 -4.50 23.47 16.96
C PRO A 248 -3.44 23.34 15.86
N TYR A 249 -3.00 22.10 15.63
CA TYR A 249 -2.14 21.75 14.51
C TYR A 249 -2.64 20.45 13.89
N ASN A 250 -2.87 20.45 12.57
CA ASN A 250 -3.43 19.28 11.88
C ASN A 250 -2.49 18.88 10.75
N GLY A 251 -1.87 17.72 10.84
CA GLY A 251 -0.99 17.32 9.76
C GLY A 251 -0.47 15.91 10.02
N LEU A 252 0.46 15.48 9.18
CA LEU A 252 1.02 14.14 9.40
C LEU A 252 2.27 14.22 10.26
N ILE A 253 2.60 13.10 10.89
CA ILE A 253 3.76 13.04 11.78
C ILE A 253 5.02 12.78 10.94
N LYS A 254 5.96 13.74 10.97
CA LYS A 254 7.24 13.48 10.32
C LYS A 254 8.18 12.71 11.25
N SER A 255 8.25 13.13 12.51
CA SER A 255 9.10 12.44 13.48
C SER A 255 8.52 12.66 14.87
N ASP A 256 8.92 11.77 15.78
CA ASP A 256 8.26 11.67 17.07
C ASP A 256 9.35 11.21 18.06
N THR A 257 10.00 12.19 18.69
CA THR A 257 11.05 11.92 19.66
C THR A 257 10.48 12.03 21.05
N GLU A 258 11.34 11.86 22.06
CA GLU A 258 10.83 11.97 23.42
C GLU A 258 10.44 13.40 23.75
N GLU A 259 11.11 14.39 23.17
CA GLU A 259 10.82 15.76 23.50
C GLU A 259 10.16 16.58 22.38
N GLU A 260 10.06 16.06 21.16
CA GLU A 260 9.55 16.88 20.06
C GLU A 260 8.70 16.05 19.11
N LEU A 261 7.54 16.60 18.75
CA LEU A 261 6.68 16.08 17.69
C LEU A 261 6.76 17.03 16.51
N THR A 262 7.27 16.54 15.37
CA THR A 262 7.38 17.34 14.16
C THR A 262 6.28 16.91 13.21
N LEU A 263 5.36 17.83 12.92
CA LEU A 263 4.28 17.60 11.98
C LEU A 263 4.60 18.27 10.64
N ILE A 264 4.03 17.73 9.56
CA ILE A 264 4.03 18.40 8.28
C ILE A 264 2.60 18.86 7.99
N LEU A 265 2.43 20.17 7.83
CA LEU A 265 1.14 20.74 7.50
C LEU A 265 1.06 20.97 6.01
N GLU A 266 -0.16 20.85 5.46
CA GLU A 266 -0.38 21.16 4.07
C GLU A 266 -1.44 22.24 3.95
N GLU A 267 -1.24 23.16 3.00
CA GLU A 267 -2.22 24.21 2.72
C GLU A 267 -2.03 24.64 1.27
N SER A 268 -3.07 24.44 0.43
CA SER A 268 -3.04 24.93 -0.95
C SER A 268 -1.84 24.40 -1.71
N GLY A 269 -1.49 23.15 -1.48
CA GLY A 269 -0.42 22.50 -2.19
C GLY A 269 0.96 22.75 -1.63
N SER A 270 1.10 23.63 -0.65
CA SER A 270 2.37 23.84 0.02
C SER A 270 2.45 23.07 1.33
N VAL A 271 3.68 22.74 1.73
CA VAL A 271 3.88 22.02 2.99
C VAL A 271 4.78 22.83 3.90
N GLU A 272 4.62 22.65 5.20
CA GLU A 272 5.48 23.34 6.14
C GLU A 272 5.61 22.50 7.41
N GLU A 273 6.77 22.57 8.06
CA GLU A 273 6.94 21.81 9.31
C GLU A 273 6.64 22.67 10.52
N VAL A 274 6.13 22.02 11.57
CA VAL A 274 6.00 22.64 12.88
C VAL A 274 6.56 21.67 13.89
N VAL A 275 7.41 22.18 14.79
CA VAL A 275 7.97 21.38 15.86
C VAL A 275 7.24 21.73 17.15
N ILE A 276 6.56 20.74 17.72
CA ILE A 276 5.69 20.92 18.88
C ILE A 276 6.32 20.22 20.07
N PRO A 277 6.66 20.93 21.15
CA PRO A 277 7.22 20.24 22.31
C PRO A 277 6.22 19.22 22.86
N LYS A 278 6.70 17.99 23.05
CA LYS A 278 5.86 16.95 23.65
C LYS A 278 5.25 17.40 24.97
N ASP A 279 5.99 18.21 25.74
CA ASP A 279 5.51 18.66 27.05
C ASP A 279 4.25 19.50 26.94
N GLU A 280 4.04 20.17 25.81
CA GLU A 280 2.94 21.10 25.66
C GLU A 280 1.73 20.49 24.95
N ILE A 281 1.77 19.20 24.59
CA ILE A 281 0.69 18.54 23.85
C ILE A 281 -0.39 18.09 24.83
N GLU A 282 -1.61 18.54 24.59
CA GLU A 282 -2.76 18.19 25.41
C GLU A 282 -3.52 17.00 24.84
N ASP A 283 -3.67 16.94 23.51
CA ASP A 283 -4.41 15.85 22.90
C ASP A 283 -3.90 15.62 21.48
N MET A 284 -4.00 14.36 21.03
CA MET A 284 -3.60 13.97 19.69
C MET A 284 -4.47 12.82 19.22
N LYS A 285 -5.16 13.02 18.09
CA LYS A 285 -6.19 12.11 17.58
C LYS A 285 -5.89 11.84 16.10
N LYS A 286 -5.82 10.58 15.71
CA LYS A 286 -5.65 10.25 14.30
C LYS A 286 -6.96 10.45 13.55
N GLN A 287 -6.84 10.87 12.27
CA GLN A 287 -8.00 11.20 11.44
C GLN A 287 -7.93 10.47 10.10
N GLU A 288 -9.01 10.57 9.33
CA GLU A 288 -9.06 9.86 8.05
C GLU A 288 -8.79 10.75 6.84
N VAL A 289 -8.44 12.03 7.01
CA VAL A 289 -8.08 12.82 5.84
C VAL A 289 -6.60 12.59 5.52
N SER A 290 -6.29 12.57 4.24
CA SER A 290 -4.90 12.57 3.78
C SER A 290 -4.43 14.01 3.58
N ILE A 291 -3.14 14.27 3.83
CA ILE A 291 -2.63 15.59 3.50
C ILE A 291 -2.38 15.73 2.00
N MET A 292 -2.37 14.64 1.25
CA MET A 292 -2.32 14.77 -0.20
C MET A 292 -3.53 15.58 -0.68
N PRO A 293 -3.33 16.61 -1.51
CA PRO A 293 -4.44 17.50 -1.87
C PRO A 293 -5.63 16.77 -2.48
N GLY A 294 -6.82 17.23 -2.11
CA GLY A 294 -8.04 16.60 -2.59
C GLY A 294 -8.60 17.16 -3.88
N ASN A 295 -7.94 18.13 -4.50
CA ASN A 295 -8.43 18.82 -5.68
C ASN A 295 -7.52 18.60 -6.89
N ILE A 296 -6.84 17.46 -6.95
CA ILE A 296 -5.91 17.31 -8.05
C ILE A 296 -6.64 17.20 -9.38
N GLY A 297 -7.89 16.71 -9.38
CA GLY A 297 -8.67 16.64 -10.61
C GLY A 297 -9.00 18.01 -11.19
N GLU A 298 -8.92 19.08 -10.39
CA GLU A 298 -9.03 20.44 -10.92
C GLU A 298 -7.69 21.03 -11.34
N LEU A 299 -6.58 20.48 -10.89
CA LEU A 299 -5.28 21.08 -11.12
C LEU A 299 -4.48 20.45 -12.24
N LEU A 300 -4.75 19.20 -12.60
CA LEU A 300 -4.09 18.58 -13.74
C LEU A 300 -5.03 18.55 -14.93
N SER A 301 -4.47 18.77 -16.12
CA SER A 301 -5.23 18.52 -17.34
C SER A 301 -5.46 17.00 -17.54
N VAL A 302 -6.38 16.67 -18.46
CA VAL A 302 -6.56 15.27 -18.85
C VAL A 302 -5.24 14.66 -19.29
N ARG A 303 -4.49 15.41 -20.11
CA ARG A 303 -3.22 14.90 -20.62
C ARG A 303 -2.22 14.67 -19.49
N GLN A 304 -2.06 15.67 -18.61
CA GLN A 304 -1.11 15.54 -17.51
C GLN A 304 -1.47 14.38 -16.59
N PHE A 305 -2.76 14.23 -16.31
CA PHE A 305 -3.26 13.15 -15.44
C PHE A 305 -2.89 11.78 -15.99
N TYR A 306 -3.22 11.49 -17.25
CA TYR A 306 -2.90 10.17 -17.77
C TYR A 306 -1.40 10.01 -18.00
N ALA A 307 -0.66 11.10 -18.23
CA ALA A 307 0.80 11.00 -18.31
C ALA A 307 1.39 10.54 -16.98
N VAL A 308 0.95 11.12 -15.88
N VAL A 308 0.97 11.17 -15.88
CA VAL A 308 1.56 10.78 -14.60
CA VAL A 308 1.49 10.80 -14.56
C VAL A 308 1.15 9.37 -14.16
C VAL A 308 1.19 9.34 -14.28
N ILE A 309 -0.02 8.89 -14.58
CA ILE A 309 -0.36 7.49 -14.35
C ILE A 309 0.58 6.58 -15.14
N GLU A 310 0.91 6.93 -16.40
CA GLU A 310 1.86 6.11 -17.15
C GLU A 310 3.22 6.10 -16.47
N TYR A 311 3.60 7.23 -15.89
CA TYR A 311 4.84 7.31 -15.14
C TYR A 311 4.81 6.35 -13.94
N LEU A 312 3.76 6.43 -13.10
CA LEU A 312 3.70 5.53 -11.95
C LEU A 312 3.77 4.06 -12.38
N ARG A 313 3.05 3.69 -13.43
CA ARG A 313 3.06 2.29 -13.87
C ARG A 313 4.47 1.82 -14.23
N SER A 314 5.30 2.75 -14.69
CA SER A 314 6.66 2.44 -15.14
C SER A 314 7.67 2.28 -14.01
N LEU A 315 7.30 2.55 -12.76
CA LEU A 315 8.26 2.55 -11.66
C LEU A 315 8.40 1.12 -11.18
N LYS A 316 9.30 0.37 -11.82
CA LYS A 316 9.34 -1.05 -11.53
C LYS A 316 10.37 -1.34 -10.47
CA CA B . -4.35 7.77 -0.39
CA CA C . -8.13 -8.62 3.32
CA CA D . 1.97 28.60 8.62
CA CA E . -4.04 21.54 6.32
CA CA F . 9.64 15.68 28.54
FE HEC G . 0.62 11.59 -2.95
CHA HEC G . -0.03 8.81 -1.20
CHB HEC G . 0.53 9.71 -5.90
CHC HEC G . 1.13 14.45 -4.86
CHD HEC G . 1.15 13.43 -0.12
NA HEC G . 0.32 9.60 -3.48
C1A HEC G . 0.08 8.61 -2.55
C2A HEC G . -0.04 7.33 -3.27
C3A HEC G . 0.12 7.59 -4.57
C4A HEC G . 0.35 9.02 -4.72
CMA HEC G . 0.13 6.63 -5.77
CAA HEC G . -0.25 5.95 -2.60
CBA HEC G . 1.18 5.45 -2.29
CGA HEC G . 1.29 4.00 -1.83
O1A HEC G . 2.39 3.58 -1.33
O2A HEC G . 0.31 3.26 -1.93
NB HEC G . 0.79 12.00 -4.94
C1B HEC G . 0.70 11.09 -5.98
C2B HEC G . 0.71 11.83 -7.22
C3B HEC G . 0.95 13.12 -6.96
C4B HEC G . 0.96 13.26 -5.53
CMB HEC G . 0.74 11.08 -8.58
CAB HEC G . 1.10 14.28 -7.95
CBB HEC G . -0.11 14.43 -8.90
NC HEC G . 1.07 13.58 -2.56
C1C HEC G . 1.23 14.59 -3.50
C2C HEC G . 1.37 15.85 -2.79
C3C HEC G . 1.52 15.56 -1.49
C4C HEC G . 1.23 14.13 -1.31
CMC HEC G . 1.76 17.18 -3.50
CAC HEC G . 1.89 16.52 -0.33
CBC HEC G . 1.03 17.78 -0.08
ND HEC G . 0.53 11.20 -0.95
C1D HEC G . 0.80 12.11 0.05
C2D HEC G . 0.64 11.42 1.32
C3D HEC G . 0.28 9.99 0.99
C4D HEC G . 0.25 9.93 -0.45
CMD HEC G . 0.79 11.97 2.74
CAD HEC G . 0.01 8.92 2.05
CBD HEC G . -1.44 9.07 2.53
CGD HEC G . -2.40 8.65 1.44
O1D HEC G . -2.47 7.45 1.14
O2D HEC G . -3.08 9.53 0.85
FE HEC H . -1.29 -8.51 2.18
CHA HEC H . -3.64 -8.42 4.64
CHB HEC H . -1.15 -11.98 2.50
CHC HEC H . 0.91 -8.69 -0.38
CHD HEC H . -1.09 -5.08 2.11
NA HEC H . -2.23 -9.94 3.31
C1A HEC H . -3.14 -9.67 4.32
C2A HEC H . -3.49 -10.91 4.99
C3A HEC H . -2.80 -11.90 4.40
C4A HEC H . -2.00 -11.30 3.34
CMA HEC H . -2.81 -13.43 4.74
CAA HEC H . -4.46 -10.98 6.20
CBA HEC H . -3.60 -10.61 7.44
CGA HEC H . -4.37 -10.69 8.75
O1A HEC H . -3.84 -10.25 9.80
O2A HEC H . -5.52 -11.17 8.80
NB HEC H . -0.34 -10.02 1.25
C1B HEC H . -0.38 -11.38 1.55
C2B HEC H . 0.40 -12.08 0.56
C3B HEC H . 1.00 -11.19 -0.24
C4B HEC H . 0.53 -9.88 0.17
CMB HEC H . 0.61 -13.61 0.61
CAB HEC H . 1.99 -11.44 -1.41
CBB HEC H . 1.44 -12.42 -2.49
NC HEC H . -0.29 -7.13 1.12
C1C HEC H . 0.56 -7.44 0.07
C2C HEC H . 0.85 -6.24 -0.65
C3C HEC H . 0.48 -5.19 0.12
C4C HEC H . -0.36 -5.75 1.18
CMC HEC H . 1.97 -6.25 -1.72
CAC HEC H . 0.79 -3.67 -0.12
CBC HEC H . 0.32 -2.98 -1.39
ND HEC H . -2.22 -7.01 3.19
C1D HEC H . -1.97 -5.65 3.00
C2D HEC H . -2.84 -4.90 3.87
C3D HEC H . -3.62 -5.92 4.66
C4D HEC H . -3.18 -7.21 4.17
CMD HEC H . -2.93 -3.36 4.03
CAD HEC H . -4.70 -5.63 5.71
CBD HEC H . -5.91 -5.20 4.87
CGD HEC H . -6.65 -6.42 4.33
O1D HEC H . -7.09 -7.30 5.14
O2D HEC H . -6.78 -6.55 3.09
#